data_7RW4
#
_entry.id   7RW4
#
_cell.length_a   44.076
_cell.length_b   55.203
_cell.length_c   142.447
_cell.angle_alpha   90.000
_cell.angle_beta   90.000
_cell.angle_gamma   90.000
#
_symmetry.space_group_name_H-M   'P 21 21 21'
#
loop_
_entity.id
_entity.type
_entity.pdbx_description
1 polymer Junctophilin-1
2 non-polymer 'ACETATE ION'
3 non-polymer GLYCEROL
4 water water
#
_entity_poly.entity_id   1
_entity_poly.type   'polypeptide(L)'
_entity_poly.pdbx_seq_one_letter_code
;SNAMTGGRFDFDDGGTYCGGWEEGKAHGHGICTGPKGQGEYSGSWSHGFEVVGGYTWPSGNTYQGYWAQGKRHGLGVETK
GKWMYRGEWSHGFKGRYGVRQSLCTPARYEGTWSNGLQDGYGVETYGDGGTYQGQWAGGMRHGYGVRQSVPYGMATVIRS
PLRTDFCPVEDHVDATTTETYMGEWKNDKRNGFGVSERSNGMKYEGEWANNKRHGYGCTVFPDGSKEEGKYKNNILVRGI
RKQLIPIRHTKTREKVDRAIEGAQRAAAMARTKVEIANSRTAHARAKADAADQAALAARQECDIARAVARELSPDFYQPG
PDYVKQRFQEGVDAKENPEEKV
;
_entity_poly.pdbx_strand_id   A
#
# COMPACT_ATOMS: atom_id res chain seq x y z
N THR A 5 -5.36 42.30 9.21
CA THR A 5 -6.04 42.36 10.49
C THR A 5 -6.38 40.94 10.88
N GLY A 6 -7.03 40.79 12.03
CA GLY A 6 -7.41 39.47 12.50
C GLY A 6 -8.72 39.53 13.25
N GLY A 7 -9.34 38.38 13.41
CA GLY A 7 -10.63 38.32 14.07
C GLY A 7 -11.07 36.89 14.27
N ARG A 8 -12.19 36.76 14.99
CA ARG A 8 -12.78 35.46 15.27
C ARG A 8 -14.18 35.42 14.68
N PHE A 9 -14.48 34.33 13.97
CA PHE A 9 -15.74 34.17 13.25
C PHE A 9 -16.32 32.80 13.55
N ASP A 10 -17.61 32.76 13.78
CA ASP A 10 -18.31 31.50 14.06
C ASP A 10 -19.13 31.07 12.85
N PHE A 11 -19.00 29.80 12.48
CA PHE A 11 -19.79 29.26 11.39
C PHE A 11 -21.08 28.62 11.93
N ASP A 12 -22.10 28.56 11.05
CA ASP A 12 -23.38 28.02 11.49
C ASP A 12 -23.25 26.60 11.99
N ASP A 13 -22.29 25.85 11.45
CA ASP A 13 -22.10 24.45 11.81
C ASP A 13 -21.40 24.25 13.14
N GLY A 14 -21.04 25.33 13.84
CA GLY A 14 -20.46 25.24 15.16
C GLY A 14 -18.95 25.37 15.21
N GLY A 15 -18.27 25.38 14.09
CA GLY A 15 -16.84 25.62 14.07
C GLY A 15 -16.50 27.11 14.05
N THR A 16 -15.20 27.39 14.08
CA THR A 16 -14.69 28.76 14.22
C THR A 16 -13.47 28.96 13.33
N TYR A 17 -13.33 30.17 12.80
CA TYR A 17 -12.06 30.63 12.24
C TYR A 17 -11.51 31.75 13.13
N CYS A 18 -10.24 31.64 13.54
CA CYS A 18 -9.61 32.68 14.35
C CYS A 18 -8.24 32.95 13.77
N GLY A 19 -8.02 34.16 13.26
CA GLY A 19 -6.73 34.46 12.66
C GLY A 19 -6.83 35.64 11.71
N GLY A 20 -5.83 35.72 10.87
CA GLY A 20 -5.75 36.84 9.94
C GLY A 20 -6.81 36.77 8.86
N TRP A 21 -7.24 37.92 8.38
CA TRP A 21 -8.16 37.92 7.26
C TRP A 21 -8.00 39.17 6.43
N GLU A 22 -8.41 39.08 5.18
CA GLU A 22 -8.30 40.19 4.22
C GLU A 22 -9.38 39.98 3.17
N GLU A 23 -10.14 41.03 2.90
CA GLU A 23 -11.19 40.97 1.90
C GLU A 23 -12.21 39.89 2.22
N GLY A 24 -12.61 39.84 3.49
CA GLY A 24 -13.62 38.93 3.97
C GLY A 24 -13.26 37.47 3.91
N LYS A 25 -11.96 37.12 3.79
CA LYS A 25 -11.54 35.73 3.68
C LYS A 25 -10.31 35.50 4.56
N ALA A 26 -10.15 34.28 5.03
CA ALA A 26 -8.95 33.93 5.80
C ALA A 26 -7.70 34.21 4.98
N HIS A 27 -6.72 34.84 5.60
CA HIS A 27 -5.53 35.25 4.87
C HIS A 27 -4.45 35.54 5.89
N GLY A 28 -3.25 34.98 5.70
CA GLY A 28 -2.20 35.11 6.69
C GLY A 28 -2.00 33.80 7.47
N HIS A 29 -2.19 33.83 8.77
CA HIS A 29 -2.14 32.64 9.63
C HIS A 29 -3.39 32.57 10.49
N GLY A 30 -3.89 31.34 10.72
CA GLY A 30 -5.10 31.25 11.53
C GLY A 30 -5.43 29.80 11.78
N ILE A 31 -6.33 29.62 12.72
CA ILE A 31 -6.85 28.32 13.11
C ILE A 31 -8.29 28.21 12.66
N CYS A 32 -8.66 27.03 12.18
CA CYS A 32 -10.05 26.80 11.77
C CYS A 32 -10.48 25.42 12.26
N THR A 33 -11.54 25.38 13.05
CA THR A 33 -12.07 24.10 13.51
C THR A 33 -13.26 23.67 12.65
N GLY A 34 -13.50 22.36 12.65
CA GLY A 34 -14.55 21.80 11.84
C GLY A 34 -15.92 21.89 12.51
N PRO A 35 -16.91 21.28 11.89
CA PRO A 35 -18.27 21.35 12.44
C PRO A 35 -18.28 20.92 13.90
N LYS A 36 -19.08 21.62 14.70
CA LYS A 36 -19.18 21.37 16.12
C LYS A 36 -17.84 21.49 16.83
N GLY A 37 -16.92 22.25 16.24
CA GLY A 37 -15.61 22.41 16.87
C GLY A 37 -14.75 21.17 16.85
N GLN A 38 -14.98 20.25 15.92
CA GLN A 38 -14.25 18.99 15.88
C GLN A 38 -13.29 19.01 14.69
N GLY A 39 -12.02 18.73 14.96
CA GLY A 39 -10.98 18.81 13.95
C GLY A 39 -10.43 20.23 13.87
N GLU A 40 -9.12 20.33 13.55
CA GLU A 40 -8.47 21.63 13.62
C GLU A 40 -7.40 21.75 12.54
N TYR A 41 -7.46 22.85 11.77
CA TYR A 41 -6.37 23.30 10.91
C TYR A 41 -5.64 24.44 11.59
N SER A 42 -4.31 24.39 11.55
CA SER A 42 -3.52 25.49 12.06
C SER A 42 -2.37 25.73 11.10
N GLY A 43 -2.29 26.95 10.55
CA GLY A 43 -1.24 27.20 9.56
C GLY A 43 -1.53 28.44 8.74
N SER A 44 -0.96 28.45 7.54
CA SER A 44 -1.08 29.63 6.68
C SER A 44 -2.27 29.52 5.73
N TRP A 45 -2.74 30.68 5.27
CA TRP A 45 -3.92 30.83 4.44
C TRP A 45 -3.64 31.88 3.37
N SER A 46 -4.22 31.70 2.19
CA SER A 46 -4.11 32.72 1.14
C SER A 46 -5.48 32.82 0.49
N HIS A 47 -6.13 33.97 0.64
CA HIS A 47 -7.40 34.21 -0.03
C HIS A 47 -8.43 33.10 0.22
N GLY A 48 -8.60 32.72 1.49
CA GLY A 48 -9.64 31.77 1.84
C GLY A 48 -9.23 30.32 1.86
N PHE A 49 -8.01 30.00 1.45
CA PHE A 49 -7.58 28.60 1.36
C PHE A 49 -6.32 28.35 2.18
N GLU A 50 -6.29 27.20 2.83
CA GLU A 50 -5.09 26.72 3.50
C GLU A 50 -3.98 26.59 2.47
N VAL A 51 -2.74 26.86 2.88
CA VAL A 51 -1.58 26.65 2.03
C VAL A 51 -0.58 25.71 2.67
N VAL A 52 -0.01 26.07 3.81
CA VAL A 52 0.99 25.23 4.48
C VAL A 52 0.59 25.14 5.95
N GLY A 53 0.29 23.94 6.43
CA GLY A 53 -0.14 23.88 7.83
C GLY A 53 -0.53 22.47 8.21
N GLY A 54 -0.94 22.34 9.47
CA GLY A 54 -1.25 21.05 10.05
C GLY A 54 -2.74 20.88 10.29
N TYR A 55 -3.22 19.65 10.09
CA TYR A 55 -4.57 19.30 10.51
C TYR A 55 -4.45 18.24 11.60
N THR A 56 -5.28 18.37 12.63
CA THR A 56 -5.31 17.38 13.70
C THR A 56 -6.74 16.92 13.88
N TRP A 57 -6.95 15.58 13.78
CA TRP A 57 -8.27 15.01 14.04
C TRP A 57 -8.42 14.73 15.53
N PRO A 58 -9.66 14.56 16.00
CA PRO A 58 -9.87 14.30 17.44
C PRO A 58 -9.12 13.07 17.93
N SER A 59 -8.83 12.09 17.05
CA SER A 59 -8.07 10.91 17.43
C SER A 59 -6.62 11.27 17.79
N GLY A 60 -6.13 12.45 17.41
CA GLY A 60 -4.73 12.75 17.52
C GLY A 60 -3.94 12.43 16.28
N ASN A 61 -4.57 11.83 15.28
CA ASN A 61 -3.90 11.68 14.00
C ASN A 61 -3.66 13.07 13.39
N THR A 62 -2.59 13.19 12.59
CA THR A 62 -2.21 14.50 12.06
C THR A 62 -1.83 14.41 10.59
N TYR A 63 -2.05 15.51 9.88
CA TYR A 63 -1.44 15.73 8.56
C TYR A 63 -0.66 17.03 8.66
N GLN A 64 0.59 17.02 8.19
CA GLN A 64 1.41 18.24 8.19
C GLN A 64 2.00 18.37 6.80
N GLY A 65 1.65 19.46 6.10
CA GLY A 65 2.15 19.60 4.75
C GLY A 65 1.39 20.67 4.00
N TYR A 66 1.27 20.44 2.70
CA TYR A 66 0.70 21.43 1.80
C TYR A 66 -0.76 21.16 1.46
N TRP A 67 -1.43 22.19 0.96
CA TRP A 67 -2.86 22.19 0.75
C TRP A 67 -3.18 22.93 -0.52
N ALA A 68 -4.30 22.57 -1.15
CA ALA A 68 -4.82 23.32 -2.27
C ALA A 68 -6.32 23.10 -2.35
N GLN A 69 -7.08 24.16 -2.59
CA GLN A 69 -8.51 24.03 -2.85
C GLN A 69 -9.24 23.33 -1.72
N GLY A 70 -8.72 23.54 -0.50
CA GLY A 70 -9.36 23.03 0.68
C GLY A 70 -8.95 21.64 1.10
N LYS A 71 -8.00 21.02 0.40
CA LYS A 71 -7.64 19.62 0.65
C LYS A 71 -6.13 19.42 0.78
N ARG A 72 -5.75 18.34 1.43
CA ARG A 72 -4.36 17.88 1.39
C ARG A 72 -3.91 17.70 -0.06
N HIS A 73 -2.82 18.35 -0.43
CA HIS A 73 -2.43 18.35 -1.84
C HIS A 73 -0.99 18.82 -1.97
N GLY A 74 -0.21 18.08 -2.73
N GLY A 74 -0.15 18.09 -2.70
CA GLY A 74 1.23 18.26 -2.78
CA GLY A 74 1.24 18.50 -2.80
C GLY A 74 1.89 17.43 -1.69
C GLY A 74 2.18 17.50 -2.14
N LEU A 75 2.92 17.93 -1.10
CA LEU A 75 3.74 17.08 -0.24
C LEU A 75 3.23 17.17 1.19
N GLY A 76 3.22 16.04 1.91
CA GLY A 76 2.81 16.11 3.30
C GLY A 76 2.97 14.77 3.97
N VAL A 77 2.89 14.80 5.30
CA VAL A 77 3.11 13.61 6.14
C VAL A 77 1.87 13.41 6.99
N GLU A 78 1.31 12.19 6.95
N GLU A 78 1.32 12.19 6.99
CA GLU A 78 0.16 11.81 7.75
CA GLU A 78 0.16 11.93 7.83
C GLU A 78 0.62 10.78 8.78
C GLU A 78 0.40 10.75 8.73
N THR A 79 0.15 10.93 10.01
CA THR A 79 0.40 9.93 11.03
C THR A 79 -0.97 9.47 11.48
N LYS A 80 -1.24 8.15 11.29
CA LYS A 80 -2.55 7.52 11.52
C LYS A 80 -2.36 6.22 12.28
N GLY A 81 -2.57 6.29 13.59
CA GLY A 81 -2.27 5.15 14.45
C GLY A 81 -0.81 4.75 14.27
N LYS A 82 -0.60 3.47 14.00
CA LYS A 82 0.73 2.90 13.88
C LYS A 82 1.32 3.03 12.49
N TRP A 83 0.73 3.81 11.60
CA TRP A 83 1.20 3.94 10.23
C TRP A 83 1.43 5.41 9.95
N MET A 84 2.48 5.71 9.22
CA MET A 84 2.78 7.06 8.75
C MET A 84 2.88 7.01 7.24
N TYR A 85 2.36 8.01 6.55
CA TYR A 85 2.60 8.17 5.11
C TYR A 85 3.35 9.45 4.85
N ARG A 86 4.42 9.35 4.05
CA ARG A 86 5.24 10.49 3.66
C ARG A 86 5.25 10.52 2.14
N GLY A 87 4.79 11.62 1.54
CA GLY A 87 4.92 11.73 0.10
C GLY A 87 3.91 12.70 -0.47
N GLU A 88 3.46 12.40 -1.70
CA GLU A 88 2.56 13.27 -2.46
C GLU A 88 1.12 12.99 -2.10
N TRP A 89 0.32 14.04 -2.21
CA TRP A 89 -1.11 14.01 -2.03
C TRP A 89 -1.76 14.67 -3.22
N SER A 90 -2.95 14.23 -3.57
CA SER A 90 -3.70 14.78 -4.68
CA SER A 90 -3.70 14.77 -4.70
C SER A 90 -5.16 14.85 -4.29
N HIS A 91 -5.70 16.06 -4.19
CA HIS A 91 -7.13 16.27 -3.95
C HIS A 91 -7.60 15.52 -2.70
N GLY A 92 -6.78 15.52 -1.65
CA GLY A 92 -7.18 14.95 -0.38
C GLY A 92 -6.75 13.51 -0.14
N PHE A 93 -6.15 12.85 -1.14
CA PHE A 93 -5.81 11.44 -1.03
C PHE A 93 -4.32 11.25 -1.28
N LYS A 94 -3.78 10.13 -0.79
CA LYS A 94 -2.41 9.81 -1.12
C LYS A 94 -2.23 9.63 -2.62
N GLY A 95 -1.12 10.15 -3.13
CA GLY A 95 -0.63 9.88 -4.48
C GLY A 95 -0.16 11.17 -5.13
N ARG A 96 0.66 11.04 -6.18
CA ARG A 96 0.94 9.78 -6.85
C ARG A 96 2.04 8.94 -6.16
N TYR A 97 3.14 9.54 -5.70
CA TYR A 97 4.27 8.80 -5.17
C TYR A 97 4.39 9.01 -3.66
N GLY A 98 4.64 7.93 -2.92
CA GLY A 98 4.92 8.09 -1.50
C GLY A 98 5.18 6.76 -0.83
N VAL A 99 5.45 6.85 0.47
CA VAL A 99 5.83 5.71 1.30
C VAL A 99 4.89 5.64 2.50
N ARG A 100 4.30 4.45 2.74
CA ARG A 100 3.53 4.21 3.96
C ARG A 100 4.36 3.25 4.81
N GLN A 101 4.61 3.61 6.07
CA GLN A 101 5.55 2.83 6.85
C GLN A 101 5.02 2.63 8.25
N SER A 102 5.32 1.48 8.82
CA SER A 102 4.94 1.19 10.19
C SER A 102 5.79 1.99 11.15
N LEU A 103 5.18 2.46 12.23
CA LEU A 103 5.92 3.19 13.24
C LEU A 103 6.79 2.31 14.12
N CYS A 104 6.69 0.98 14.00
CA CYS A 104 7.47 0.14 14.91
C CYS A 104 8.16 -1.05 14.28
N THR A 105 7.95 -1.35 13.00
CA THR A 105 8.65 -2.43 12.32
C THR A 105 9.00 -1.92 10.92
N PRO A 106 9.78 -2.69 10.15
CA PRO A 106 10.10 -2.27 8.78
C PRO A 106 8.98 -2.45 7.76
N ALA A 107 7.81 -3.00 8.12
CA ALA A 107 6.73 -3.18 7.14
C ALA A 107 6.34 -1.85 6.51
N ARG A 108 6.14 -1.87 5.19
CA ARG A 108 5.94 -0.62 4.47
C ARG A 108 5.54 -0.91 3.03
N TYR A 109 5.00 0.10 2.38
CA TYR A 109 4.86 0.09 0.92
C TYR A 109 5.55 1.33 0.37
N GLU A 110 6.28 1.15 -0.72
CA GLU A 110 6.90 2.26 -1.45
C GLU A 110 6.44 2.17 -2.90
N GLY A 111 5.99 3.27 -3.47
CA GLY A 111 5.59 3.20 -4.89
C GLY A 111 4.48 4.18 -5.18
N THR A 112 3.62 3.82 -6.14
CA THR A 112 2.56 4.73 -6.55
C THR A 112 1.23 4.38 -5.92
N TRP A 113 0.34 5.37 -5.96
CA TRP A 113 -0.94 5.34 -5.28
C TRP A 113 -1.97 6.01 -6.18
N SER A 114 -3.24 5.60 -5.99
CA SER A 114 -4.36 6.29 -6.62
CA SER A 114 -4.37 6.31 -6.61
C SER A 114 -5.49 6.35 -5.60
N ASN A 115 -5.97 7.56 -5.30
CA ASN A 115 -7.08 7.72 -4.36
C ASN A 115 -6.83 7.03 -3.02
N GLY A 116 -5.59 7.11 -2.54
CA GLY A 116 -5.28 6.58 -1.24
C GLY A 116 -4.99 5.09 -1.23
N LEU A 117 -5.03 4.41 -2.40
CA LEU A 117 -4.79 2.97 -2.48
C LEU A 117 -3.51 2.69 -3.25
N GLN A 118 -2.79 1.64 -2.85
CA GLN A 118 -1.61 1.22 -3.59
C GLN A 118 -2.05 0.84 -5.01
N ASP A 119 -1.44 1.44 -6.02
CA ASP A 119 -2.00 1.35 -7.36
C ASP A 119 -0.94 1.80 -8.35
N GLY A 120 -0.64 0.95 -9.34
CA GLY A 120 0.37 1.22 -10.35
C GLY A 120 1.50 0.22 -10.17
N TYR A 121 2.65 0.67 -9.65
CA TYR A 121 3.76 -0.22 -9.36
C TYR A 121 4.37 0.15 -8.03
N GLY A 122 4.85 -0.85 -7.31
CA GLY A 122 5.50 -0.59 -6.04
C GLY A 122 5.86 -1.88 -5.36
N VAL A 123 6.43 -1.74 -4.16
CA VAL A 123 6.92 -2.89 -3.40
C VAL A 123 6.37 -2.80 -1.99
N GLU A 124 5.69 -3.86 -1.55
CA GLU A 124 5.29 -3.96 -0.16
C GLU A 124 6.23 -4.94 0.57
N THR A 125 6.73 -4.50 1.71
CA THR A 125 7.50 -5.34 2.62
C THR A 125 6.55 -5.69 3.74
N TYR A 126 6.33 -6.99 3.96
CA TYR A 126 5.38 -7.48 4.96
C TYR A 126 6.05 -7.61 6.33
N GLY A 127 5.22 -7.90 7.35
CA GLY A 127 5.75 -7.93 8.71
C GLY A 127 6.86 -8.94 8.92
N ASP A 128 6.85 -10.04 8.18
CA ASP A 128 7.91 -11.02 8.30
C ASP A 128 9.16 -10.71 7.50
N GLY A 129 9.18 -9.61 6.74
CA GLY A 129 10.30 -9.23 5.92
C GLY A 129 10.23 -9.69 4.48
N GLY A 130 9.23 -10.51 4.13
CA GLY A 130 9.06 -10.89 2.74
C GLY A 130 8.42 -9.76 1.96
N THR A 131 8.29 -9.95 0.65
CA THR A 131 7.88 -8.83 -0.22
C THR A 131 6.91 -9.26 -1.32
N TYR A 132 6.22 -8.27 -1.86
CA TYR A 132 5.62 -8.33 -3.20
C TYR A 132 6.18 -7.15 -3.97
N GLN A 133 6.61 -7.41 -5.20
CA GLN A 133 7.12 -6.37 -6.09
C GLN A 133 6.37 -6.49 -7.41
N GLY A 134 5.84 -5.38 -7.94
CA GLY A 134 5.18 -5.48 -9.23
C GLY A 134 3.96 -4.60 -9.30
N GLN A 135 2.93 -5.09 -9.98
CA GLN A 135 1.78 -4.25 -10.28
C GLN A 135 0.71 -4.34 -9.21
N TRP A 136 0.00 -3.21 -9.03
CA TRP A 136 -1.07 -3.06 -8.03
C TRP A 136 -2.24 -2.41 -8.74
N ALA A 137 -3.46 -2.75 -8.29
CA ALA A 137 -4.66 -2.01 -8.70
C ALA A 137 -5.58 -1.93 -7.50
N GLY A 138 -6.04 -0.72 -7.15
CA GLY A 138 -7.08 -0.60 -6.14
C GLY A 138 -6.66 -1.14 -4.77
N GLY A 139 -5.37 -1.08 -4.43
CA GLY A 139 -4.89 -1.62 -3.18
C GLY A 139 -4.50 -3.07 -3.20
N MET A 140 -4.64 -3.75 -4.32
CA MET A 140 -4.44 -5.20 -4.40
C MET A 140 -3.33 -5.55 -5.38
N ARG A 141 -2.61 -6.64 -5.09
CA ARG A 141 -1.68 -7.21 -6.06
C ARG A 141 -2.50 -7.65 -7.24
N HIS A 142 -2.17 -7.14 -8.43
CA HIS A 142 -3.09 -7.29 -9.56
C HIS A 142 -2.35 -6.95 -10.84
N GLY A 143 -2.24 -7.90 -11.74
CA GLY A 143 -1.41 -7.76 -12.93
C GLY A 143 -0.29 -8.76 -12.83
N TYR A 144 0.94 -8.38 -13.11
CA TYR A 144 2.08 -9.26 -12.94
C TYR A 144 2.96 -8.78 -11.79
N GLY A 145 3.53 -9.73 -11.05
CA GLY A 145 4.45 -9.38 -9.98
C GLY A 145 5.01 -10.61 -9.31
N VAL A 146 5.92 -10.36 -8.40
CA VAL A 146 6.72 -11.40 -7.77
C VAL A 146 6.51 -11.36 -6.26
N ARG A 147 6.19 -12.52 -5.68
CA ARG A 147 6.15 -12.68 -4.22
C ARG A 147 7.41 -13.41 -3.78
N GLN A 148 8.10 -12.85 -2.77
N GLN A 148 8.10 -12.86 -2.77
CA GLN A 148 9.27 -13.48 -2.19
CA GLN A 148 9.28 -13.49 -2.19
C GLN A 148 8.99 -13.78 -0.73
C GLN A 148 8.98 -13.78 -0.73
N SER A 149 8.98 -15.07 -0.36
CA SER A 149 8.81 -15.40 1.05
C SER A 149 10.11 -15.22 1.81
N VAL A 150 10.02 -15.24 3.13
CA VAL A 150 11.19 -15.51 3.98
C VAL A 150 11.22 -17.02 4.28
N PRO A 151 12.24 -17.53 4.95
CA PRO A 151 12.27 -18.97 5.25
C PRO A 151 10.99 -19.37 5.98
N TYR A 152 10.51 -20.59 5.68
CA TYR A 152 9.22 -21.05 6.18
C TYR A 152 9.10 -20.92 7.68
N GLY A 153 10.15 -21.25 8.44
CA GLY A 153 10.05 -21.16 9.88
C GLY A 153 9.95 -19.76 10.41
N MET A 154 10.23 -18.75 9.57
CA MET A 154 10.09 -17.35 9.97
CA MET A 154 10.12 -17.34 9.95
C MET A 154 8.88 -16.68 9.34
N ALA A 155 8.19 -17.35 8.43
CA ALA A 155 7.13 -16.71 7.66
C ALA A 155 5.84 -16.63 8.47
N THR A 156 5.10 -15.55 8.28
CA THR A 156 3.87 -15.38 9.06
C THR A 156 2.88 -16.49 8.78
N VAL A 157 2.36 -17.10 9.85
CA VAL A 157 1.35 -18.14 9.70
C VAL A 157 0.01 -17.45 9.41
N ILE A 158 -0.51 -17.62 8.20
CA ILE A 158 -1.77 -17.03 7.71
C ILE A 158 -2.63 -18.16 7.18
N ARG A 159 -3.94 -18.09 7.41
CA ARG A 159 -4.84 -19.15 6.96
C ARG A 159 -4.96 -19.15 5.43
N SER A 160 -5.03 -20.34 4.85
CA SER A 160 -5.53 -20.46 3.48
C SER A 160 -7.01 -20.03 3.47
N PRO A 161 -7.50 -19.34 2.43
CA PRO A 161 -6.90 -19.10 1.13
C PRO A 161 -6.28 -17.71 1.04
N LEU A 162 -6.06 -16.99 2.15
CA LEU A 162 -5.46 -15.66 2.04
C LEU A 162 -3.95 -15.69 1.89
N ARG A 163 -3.32 -16.77 2.30
CA ARG A 163 -1.87 -16.83 2.30
C ARG A 163 -1.33 -16.82 0.88
N THR A 164 -0.23 -16.10 0.64
CA THR A 164 0.30 -15.92 -0.71
C THR A 164 1.76 -16.26 -0.86
N ASP A 165 2.49 -16.58 0.23
CA ASP A 165 3.91 -16.84 0.14
C ASP A 165 4.23 -18.31 -0.13
N PHE A 166 3.56 -19.25 0.54
CA PHE A 166 3.72 -20.69 0.34
C PHE A 166 2.33 -21.19 -0.03
N CYS A 167 2.18 -21.68 -1.27
CA CYS A 167 0.86 -22.06 -1.76
C CYS A 167 0.93 -23.38 -2.52
N PRO A 168 0.42 -24.53 -1.98
CA PRO A 168 -0.13 -24.67 -0.64
C PRO A 168 0.94 -24.94 0.39
N VAL A 169 0.55 -24.78 1.65
CA VAL A 169 1.39 -25.19 2.77
C VAL A 169 1.21 -26.71 2.90
N GLU A 170 2.24 -27.46 2.53
CA GLU A 170 2.20 -28.93 2.59
C GLU A 170 3.61 -29.42 2.98
N ASP A 171 3.81 -30.73 2.91
CA ASP A 171 4.94 -31.31 3.62
C ASP A 171 6.25 -31.27 2.88
N HIS A 172 6.31 -30.71 1.67
CA HIS A 172 7.60 -30.50 0.97
C HIS A 172 8.18 -29.14 1.38
N VAL A 173 8.48 -29.04 2.67
CA VAL A 173 9.03 -27.81 3.24
C VAL A 173 9.81 -28.18 4.51
N ASP A 174 10.81 -27.34 4.83
CA ASP A 174 11.47 -27.39 6.13
C ASP A 174 11.61 -25.95 6.61
N ALA A 175 12.14 -25.77 7.82
CA ALA A 175 12.22 -24.42 8.41
C ALA A 175 12.99 -23.45 7.53
N THR A 176 13.92 -23.94 6.71
CA THR A 176 14.75 -23.05 5.91
C THR A 176 14.17 -22.73 4.54
N THR A 177 13.11 -23.41 4.11
CA THR A 177 12.72 -23.31 2.71
C THR A 177 12.13 -21.94 2.41
N THR A 178 12.52 -21.36 1.27
CA THR A 178 11.83 -20.18 0.76
C THR A 178 11.03 -20.55 -0.49
N GLU A 179 10.07 -19.70 -0.82
CA GLU A 179 9.24 -19.83 -2.01
C GLU A 179 9.17 -18.48 -2.72
N THR A 180 9.24 -18.53 -4.05
CA THR A 180 9.03 -17.38 -4.92
C THR A 180 7.91 -17.70 -5.86
N TYR A 181 7.01 -16.73 -6.09
CA TYR A 181 5.99 -16.84 -7.12
C TYR A 181 6.21 -15.71 -8.11
N MET A 182 6.30 -16.04 -9.40
CA MET A 182 6.45 -15.05 -10.46
C MET A 182 5.37 -15.28 -11.48
N GLY A 183 4.47 -14.30 -11.64
CA GLY A 183 3.39 -14.54 -12.60
C GLY A 183 2.24 -13.59 -12.37
N GLU A 184 1.05 -14.06 -12.71
CA GLU A 184 -0.13 -13.21 -12.71
C GLU A 184 -0.84 -13.23 -11.36
N TRP A 185 -1.45 -12.08 -11.04
CA TRP A 185 -2.23 -11.87 -9.85
C TRP A 185 -3.55 -11.23 -10.25
N LYS A 186 -4.61 -11.60 -9.54
CA LYS A 186 -5.90 -10.94 -9.73
C LYS A 186 -6.48 -10.72 -8.35
N ASN A 187 -6.89 -9.48 -8.05
CA ASN A 187 -7.61 -9.22 -6.78
C ASN A 187 -6.82 -9.74 -5.57
N ASP A 188 -5.51 -9.53 -5.55
CA ASP A 188 -4.65 -9.85 -4.37
C ASP A 188 -4.28 -11.34 -4.29
N LYS A 189 -4.62 -12.14 -5.30
CA LYS A 189 -4.36 -13.59 -5.25
C LYS A 189 -3.61 -14.08 -6.49
N ARG A 190 -2.80 -15.12 -6.32
CA ARG A 190 -2.21 -15.77 -7.48
C ARG A 190 -3.35 -16.27 -8.36
N ASN A 191 -3.35 -15.89 -9.62
CA ASN A 191 -4.47 -16.20 -10.51
C ASN A 191 -4.01 -16.02 -11.93
N GLY A 192 -4.21 -17.04 -12.75
CA GLY A 192 -3.74 -17.05 -14.13
C GLY A 192 -2.48 -17.88 -14.23
N PHE A 193 -1.59 -17.51 -15.11
CA PHE A 193 -0.35 -18.25 -15.32
C PHE A 193 0.72 -17.77 -14.35
N GLY A 194 1.48 -18.72 -13.82
CA GLY A 194 2.60 -18.31 -12.97
C GLY A 194 3.45 -19.50 -12.56
N VAL A 195 4.65 -19.18 -12.09
CA VAL A 195 5.62 -20.18 -11.66
C VAL A 195 5.88 -19.99 -10.17
N SER A 196 5.75 -21.05 -9.39
CA SER A 196 6.22 -21.01 -8.02
CA SER A 196 6.18 -21.05 -8.01
C SER A 196 7.42 -21.93 -7.88
N GLU A 197 8.40 -21.49 -7.12
CA GLU A 197 9.59 -22.32 -6.97
C GLU A 197 10.08 -22.20 -5.54
N ARG A 198 10.47 -23.35 -4.96
CA ARG A 198 11.01 -23.37 -3.61
C ARG A 198 12.50 -23.66 -3.64
N SER A 199 13.17 -23.27 -2.56
CA SER A 199 14.61 -23.48 -2.46
C SER A 199 15.01 -24.94 -2.30
N ASN A 200 14.07 -25.85 -2.06
CA ASN A 200 14.35 -27.27 -2.03
C ASN A 200 14.16 -27.93 -3.40
N GLY A 201 13.90 -27.16 -4.45
CA GLY A 201 13.76 -27.71 -5.79
C GLY A 201 12.32 -27.95 -6.22
N MET A 202 11.36 -27.85 -5.32
CA MET A 202 9.98 -27.98 -5.76
C MET A 202 9.62 -26.82 -6.68
N LYS A 203 8.82 -27.09 -7.70
CA LYS A 203 8.40 -26.04 -8.63
C LYS A 203 7.05 -26.40 -9.21
N TYR A 204 6.18 -25.41 -9.36
CA TYR A 204 4.96 -25.59 -10.14
C TYR A 204 4.94 -24.58 -11.26
N GLU A 205 4.64 -25.06 -12.46
CA GLU A 205 4.43 -24.19 -13.60
C GLU A 205 3.05 -24.47 -14.17
N GLY A 206 2.21 -23.46 -14.24
CA GLY A 206 0.89 -23.68 -14.82
C GLY A 206 -0.10 -22.61 -14.38
N GLU A 207 -1.34 -23.06 -14.22
CA GLU A 207 -2.45 -22.17 -13.93
C GLU A 207 -2.83 -22.16 -12.45
N TRP A 208 -3.27 -20.98 -12.00
CA TRP A 208 -3.62 -20.71 -10.61
C TRP A 208 -4.98 -20.04 -10.53
N ALA A 209 -5.64 -20.22 -9.41
CA ALA A 209 -6.82 -19.42 -9.05
C ALA A 209 -6.92 -19.42 -7.55
N ASN A 210 -7.21 -18.25 -6.97
CA ASN A 210 -7.47 -18.18 -5.53
C ASN A 210 -6.28 -18.69 -4.72
N ASN A 211 -5.06 -18.40 -5.18
CA ASN A 211 -3.81 -18.82 -4.50
C ASN A 211 -3.61 -20.32 -4.51
N LYS A 212 -4.29 -21.04 -5.43
CA LYS A 212 -4.14 -22.49 -5.52
C LYS A 212 -3.80 -22.90 -6.94
N ARG A 213 -3.10 -24.03 -7.09
CA ARG A 213 -2.99 -24.65 -8.41
C ARG A 213 -4.38 -25.01 -8.89
N HIS A 214 -4.75 -24.55 -10.09
CA HIS A 214 -6.15 -24.67 -10.49
C HIS A 214 -6.15 -24.46 -12.00
N GLY A 215 -6.47 -25.52 -12.73
CA GLY A 215 -6.27 -25.57 -14.16
C GLY A 215 -5.12 -26.52 -14.47
N TYR A 216 -4.51 -26.34 -15.64
CA TYR A 216 -3.45 -27.26 -16.07
C TYR A 216 -2.08 -26.83 -15.57
N GLY A 217 -1.27 -27.80 -15.18
CA GLY A 217 0.07 -27.45 -14.72
C GLY A 217 0.87 -28.68 -14.35
N CYS A 218 2.14 -28.43 -14.00
CA CYS A 218 3.07 -29.48 -13.62
C CYS A 218 3.80 -29.08 -12.35
N THR A 219 3.76 -29.96 -11.35
CA THR A 219 4.55 -29.83 -10.13
C THR A 219 5.72 -30.78 -10.20
N VAL A 220 6.94 -30.26 -10.00
CA VAL A 220 8.13 -31.10 -9.83
C VAL A 220 8.49 -31.06 -8.36
N PHE A 221 8.68 -32.22 -7.75
CA PHE A 221 8.95 -32.31 -6.33
C PHE A 221 10.45 -32.25 -6.08
N PRO A 222 10.88 -32.08 -4.82
CA PRO A 222 12.32 -31.98 -4.56
C PRO A 222 13.09 -33.21 -5.05
N ASP A 223 12.46 -34.40 -5.06
CA ASP A 223 13.15 -35.60 -5.52
C ASP A 223 13.18 -35.75 -7.03
N GLY A 224 12.61 -34.79 -7.78
CA GLY A 224 12.62 -34.86 -9.22
C GLY A 224 11.41 -35.54 -9.85
N SER A 225 10.58 -36.20 -9.07
CA SER A 225 9.34 -36.77 -9.61
C SER A 225 8.34 -35.65 -9.90
N LYS A 226 7.28 -35.99 -10.65
CA LYS A 226 6.33 -35.00 -11.14
C LYS A 226 4.89 -35.41 -10.84
N GLU A 227 4.03 -34.41 -10.72
CA GLU A 227 2.59 -34.58 -10.68
C GLU A 227 2.05 -33.55 -11.69
N GLU A 228 1.34 -34.01 -12.70
CA GLU A 228 0.94 -33.06 -13.73
C GLU A 228 -0.39 -33.47 -14.35
N GLY A 229 -1.08 -32.46 -14.86
CA GLY A 229 -2.43 -32.65 -15.41
C GLY A 229 -3.32 -31.49 -15.05
N LYS A 230 -4.58 -31.77 -14.75
CA LYS A 230 -5.54 -30.74 -14.39
C LYS A 230 -5.71 -30.76 -12.87
N TYR A 231 -5.52 -29.60 -12.25
CA TYR A 231 -5.71 -29.37 -10.82
C TYR A 231 -7.06 -28.69 -10.59
N LYS A 232 -7.68 -29.03 -9.47
CA LYS A 232 -8.85 -28.28 -8.97
C LYS A 232 -8.56 -27.98 -7.51
N ASN A 233 -8.44 -26.69 -7.17
CA ASN A 233 -8.21 -26.31 -5.77
C ASN A 233 -7.05 -27.10 -5.14
N ASN A 234 -5.91 -27.10 -5.84
CA ASN A 234 -4.68 -27.73 -5.37
C ASN A 234 -4.67 -29.24 -5.42
N ILE A 235 -5.72 -29.90 -5.91
CA ILE A 235 -5.77 -31.36 -6.00
C ILE A 235 -5.74 -31.79 -7.46
N LEU A 236 -4.84 -32.69 -7.82
CA LEU A 236 -4.82 -33.19 -9.19
C LEU A 236 -6.08 -34.03 -9.43
N VAL A 237 -6.87 -33.64 -10.42
CA VAL A 237 -8.13 -34.33 -10.72
C VAL A 237 -8.11 -35.04 -12.07
N ARG A 238 -7.15 -34.77 -12.93
CA ARG A 238 -7.00 -35.53 -14.16
C ARG A 238 -5.50 -35.60 -14.43
N GLY A 239 -4.98 -36.81 -14.64
CA GLY A 239 -3.60 -36.98 -15.00
C GLY A 239 -3.39 -36.98 -16.50
N ILE A 240 -2.13 -37.18 -16.89
CA ILE A 240 -1.73 -37.22 -18.30
C ILE A 240 -2.16 -38.51 -18.96
N ARG A 241 -2.19 -39.60 -18.23
CA ARG A 241 -2.38 -40.89 -18.89
C ARG A 241 -3.79 -41.03 -19.42
N LYS A 242 -3.90 -41.68 -20.57
CA LYS A 242 -5.19 -42.05 -21.11
C LYS A 242 -5.64 -43.35 -20.47
N GLN A 243 -6.94 -43.65 -20.59
CA GLN A 243 -7.42 -44.94 -20.11
C GLN A 243 -6.88 -46.04 -21.01
N LEU A 244 -7.08 -47.29 -20.58
CA LEU A 244 -6.51 -48.43 -21.30
C LEU A 244 -7.01 -48.50 -22.74
N ILE A 245 -8.31 -48.39 -22.94
CA ILE A 245 -8.91 -48.15 -24.25
C ILE A 245 -9.69 -46.85 -24.15
N PRO A 246 -9.13 -45.74 -24.65
CA PRO A 246 -9.73 -44.38 -24.58
C PRO A 246 -11.09 -44.22 -25.26
N HIS A 249 -11.31 -38.72 -27.44
CA HIS A 249 -9.94 -38.25 -27.46
C HIS A 249 -9.71 -37.15 -26.41
N THR A 250 -8.55 -37.20 -25.75
CA THR A 250 -8.17 -36.23 -24.75
C THR A 250 -6.79 -35.68 -25.09
N LYS A 251 -6.52 -34.48 -24.58
CA LYS A 251 -5.28 -33.77 -24.88
C LYS A 251 -4.66 -33.19 -23.62
N THR A 252 -4.67 -33.93 -22.51
CA THR A 252 -4.13 -33.40 -21.26
C THR A 252 -2.65 -33.06 -21.38
N ARG A 253 -1.85 -33.94 -22.00
CA ARG A 253 -0.41 -33.69 -22.17
C ARG A 253 -0.17 -32.36 -22.86
N GLU A 254 -0.89 -32.09 -23.95
CA GLU A 254 -0.72 -30.85 -24.70
C GLU A 254 -1.17 -29.64 -23.87
N LYS A 255 -2.29 -29.77 -23.15
CA LYS A 255 -2.80 -28.66 -22.35
C LYS A 255 -1.84 -28.32 -21.22
N VAL A 256 -1.22 -29.33 -20.60
CA VAL A 256 -0.18 -29.06 -19.60
C VAL A 256 0.99 -28.32 -20.24
N ASP A 257 1.44 -28.78 -21.41
CA ASP A 257 2.59 -28.14 -22.06
C ASP A 257 2.29 -26.69 -22.39
N ARG A 258 1.06 -26.39 -22.85
CA ARG A 258 0.72 -25.01 -23.14
C ARG A 258 0.66 -24.16 -21.86
N ALA A 259 0.17 -24.75 -20.76
CA ALA A 259 0.12 -24.02 -19.49
C ALA A 259 1.52 -23.77 -18.95
N ILE A 260 2.44 -24.71 -19.11
CA ILE A 260 3.81 -24.45 -18.69
C ILE A 260 4.39 -23.27 -19.47
N GLU A 261 4.18 -23.26 -20.79
CA GLU A 261 4.67 -22.13 -21.60
C GLU A 261 4.06 -20.82 -21.15
N GLY A 262 2.74 -20.81 -20.90
CA GLY A 262 2.09 -19.59 -20.41
C GLY A 262 2.66 -19.14 -19.08
N ALA A 263 2.92 -20.08 -18.19
CA ALA A 263 3.49 -19.74 -16.88
C ALA A 263 4.89 -19.17 -17.01
N GLN A 264 5.72 -19.76 -17.88
CA GLN A 264 7.07 -19.24 -18.06
C GLN A 264 7.06 -17.84 -18.68
N ARG A 265 6.15 -17.59 -19.63
CA ARG A 265 6.03 -16.24 -20.17
C ARG A 265 5.55 -15.24 -19.09
N ALA A 266 4.58 -15.66 -18.27
CA ALA A 266 4.08 -14.77 -17.20
C ALA A 266 5.16 -14.48 -16.16
N ALA A 267 6.00 -15.47 -15.86
CA ALA A 267 7.09 -15.25 -14.90
C ALA A 267 8.09 -14.23 -15.45
N ALA A 268 8.38 -14.30 -16.76
CA ALA A 268 9.27 -13.32 -17.38
C ALA A 268 8.63 -11.94 -17.35
N MET A 269 7.33 -11.86 -17.65
CA MET A 269 6.65 -10.57 -17.58
C MET A 269 6.68 -10.02 -16.15
N ALA A 270 6.48 -10.87 -15.14
CA ALA A 270 6.52 -10.41 -13.77
C ALA A 270 7.90 -9.83 -13.43
N ARG A 271 8.98 -10.46 -13.92
CA ARG A 271 10.30 -9.91 -13.67
C ARG A 271 10.47 -8.52 -14.28
N THR A 272 9.89 -8.30 -15.48
CA THR A 272 9.89 -6.98 -16.10
C THR A 272 9.16 -5.96 -15.23
N LYS A 273 8.03 -6.37 -14.64
CA LYS A 273 7.28 -5.45 -13.80
C LYS A 273 7.99 -5.15 -12.48
N VAL A 274 8.78 -6.09 -11.96
CA VAL A 274 9.61 -5.82 -10.79
C VAL A 274 10.59 -4.69 -11.05
N GLU A 275 11.22 -4.68 -12.23
CA GLU A 275 12.17 -3.62 -12.56
C GLU A 275 11.51 -2.25 -12.52
N ILE A 276 10.31 -2.13 -13.10
CA ILE A 276 9.60 -0.88 -13.05
C ILE A 276 9.23 -0.53 -11.60
N ALA A 277 8.77 -1.53 -10.84
CA ALA A 277 8.39 -1.25 -9.45
C ALA A 277 9.59 -0.73 -8.64
N ASN A 278 10.78 -1.28 -8.86
CA ASN A 278 11.96 -0.78 -8.16
C ASN A 278 12.22 0.69 -8.47
N SER A 279 12.04 1.10 -9.74
CA SER A 279 12.20 2.51 -10.10
C SER A 279 11.19 3.37 -9.36
N ARG A 280 9.93 2.92 -9.30
CA ARG A 280 8.93 3.71 -8.61
C ARG A 280 9.27 3.85 -7.15
N THR A 281 9.86 2.80 -6.53
CA THR A 281 10.17 2.93 -5.11
C THR A 281 11.27 3.97 -4.88
N ALA A 282 12.23 4.08 -5.80
CA ALA A 282 13.27 5.08 -5.61
C ALA A 282 12.70 6.48 -5.71
N HIS A 283 11.78 6.72 -6.66
CA HIS A 283 11.16 8.04 -6.73
C HIS A 283 10.27 8.29 -5.52
N ALA A 284 9.55 7.26 -5.05
CA ALA A 284 8.70 7.41 -3.88
C ALA A 284 9.52 7.78 -2.65
N ARG A 285 10.69 7.14 -2.46
CA ARG A 285 11.52 7.50 -1.31
C ARG A 285 12.02 8.93 -1.38
N ALA A 286 12.32 9.42 -2.59
CA ALA A 286 12.75 10.82 -2.73
C ALA A 286 11.59 11.77 -2.38
N LYS A 287 10.36 11.43 -2.80
CA LYS A 287 9.24 12.29 -2.47
C LYS A 287 8.89 12.21 -0.99
N ALA A 288 9.12 11.05 -0.37
CA ALA A 288 8.88 10.94 1.07
C ALA A 288 9.84 11.87 1.83
N ASP A 289 11.11 11.90 1.40
CA ASP A 289 12.07 12.80 2.05
C ASP A 289 11.67 14.26 1.84
N ALA A 290 11.19 14.59 0.65
CA ALA A 290 10.71 15.94 0.41
C ALA A 290 9.53 16.26 1.29
N ALA A 291 8.63 15.29 1.47
CA ALA A 291 7.46 15.50 2.33
C ALA A 291 7.88 15.75 3.77
N ASP A 292 8.96 15.12 4.26
CA ASP A 292 9.45 15.43 5.61
C ASP A 292 9.73 16.92 5.76
N GLN A 293 10.31 17.54 4.73
CA GLN A 293 10.58 18.97 4.78
C GLN A 293 9.29 19.79 4.73
N ALA A 294 8.32 19.35 3.92
CA ALA A 294 7.04 20.04 3.88
C ALA A 294 6.36 19.99 5.26
N ALA A 295 6.47 18.86 5.97
CA ALA A 295 5.85 18.72 7.29
C ALA A 295 6.52 19.65 8.30
N LEU A 296 7.86 19.79 8.22
CA LEU A 296 8.55 20.74 9.08
C LEU A 296 8.06 22.17 8.81
N ALA A 297 7.93 22.53 7.53
CA ALA A 297 7.43 23.87 7.22
C ALA A 297 6.02 24.06 7.81
N ALA A 298 5.18 23.03 7.69
CA ALA A 298 3.82 23.11 8.23
C ALA A 298 3.82 23.29 9.73
N ARG A 299 4.72 22.59 10.46
CA ARG A 299 4.77 22.78 11.92
C ARG A 299 5.20 24.20 12.27
N GLN A 300 6.10 24.80 11.45
CA GLN A 300 6.49 26.20 11.70
C GLN A 300 5.31 27.14 11.47
N GLU A 301 4.55 26.92 10.40
CA GLU A 301 3.40 27.79 10.14
C GLU A 301 2.33 27.60 11.20
N CYS A 302 2.16 26.36 11.67
CA CYS A 302 1.23 26.08 12.74
C CYS A 302 1.60 26.85 14.01
N ASP A 303 2.89 26.89 14.36
CA ASP A 303 3.29 27.64 15.55
C ASP A 303 2.92 29.13 15.42
N ILE A 304 3.12 29.71 14.25
CA ILE A 304 2.75 31.12 14.05
C ILE A 304 1.24 31.28 14.20
N ALA A 305 0.46 30.37 13.58
CA ALA A 305 -0.99 30.49 13.65
C ALA A 305 -1.49 30.37 15.09
N ARG A 306 -0.90 29.47 15.89
CA ARG A 306 -1.34 29.35 17.28
C ARG A 306 -1.12 30.65 18.05
N ALA A 307 0.02 31.30 17.80
CA ALA A 307 0.34 32.53 18.50
C ALA A 307 -0.58 33.66 18.04
N VAL A 308 -0.89 33.72 16.74
CA VAL A 308 -1.80 34.74 16.22
C VAL A 308 -3.17 34.59 16.87
N ALA A 309 -3.71 33.35 16.89
CA ALA A 309 -5.03 33.14 17.47
C ALA A 309 -5.03 33.35 18.98
N ARG A 310 -3.94 32.98 19.68
CA ARG A 310 -3.90 33.22 21.12
C ARG A 310 -3.92 34.73 21.43
N GLU A 311 -3.32 35.54 20.58
CA GLU A 311 -3.30 36.97 20.80
C GLU A 311 -4.65 37.59 20.48
N LEU A 312 -5.28 37.14 19.38
CA LEU A 312 -6.57 37.67 18.98
C LEU A 312 -7.67 37.26 19.94
N SER A 313 -7.63 36.02 20.44
CA SER A 313 -8.76 35.43 21.16
C SER A 313 -8.19 34.51 22.22
N PRO A 314 -7.72 35.06 23.34
CA PRO A 314 -7.06 34.22 24.33
C PRO A 314 -7.95 33.14 24.88
N ASP A 315 -9.27 33.33 24.88
CA ASP A 315 -10.15 32.31 25.43
C ASP A 315 -10.75 31.38 24.39
N PHE A 316 -10.35 31.50 23.12
CA PHE A 316 -10.73 30.50 22.13
C PHE A 316 -9.91 29.22 22.32
N TYR A 317 -10.60 28.09 22.46
CA TYR A 317 -9.96 26.80 22.68
C TYR A 317 -9.44 26.22 21.36
N GLN A 318 -8.13 26.08 21.25
CA GLN A 318 -7.52 25.40 20.10
C GLN A 318 -7.40 23.95 20.47
N PRO A 319 -8.20 23.05 19.89
CA PRO A 319 -8.31 21.69 20.43
C PRO A 319 -7.18 20.74 20.02
N GLY A 320 -6.34 21.09 19.04
CA GLY A 320 -5.39 20.15 18.48
C GLY A 320 -4.38 19.59 19.46
N PRO A 321 -3.74 20.43 20.27
CA PRO A 321 -2.70 19.90 21.17
C PRO A 321 -3.25 18.84 22.12
N ASP A 322 -4.48 19.06 22.63
CA ASP A 322 -5.09 18.05 23.51
C ASP A 322 -5.48 16.80 22.75
N TYR A 323 -5.88 16.93 21.48
CA TYR A 323 -6.12 15.72 20.71
C TYR A 323 -4.88 14.82 20.71
N VAL A 324 -3.72 15.42 20.46
CA VAL A 324 -2.50 14.61 20.39
C VAL A 324 -2.14 14.04 21.75
N LYS A 325 -2.31 14.84 22.81
CA LYS A 325 -1.97 14.41 24.15
C LYS A 325 -2.81 13.22 24.58
N GLN A 326 -4.10 13.24 24.25
CA GLN A 326 -4.94 12.13 24.69
C GLN A 326 -4.76 10.87 23.86
N ARG A 327 -4.15 10.97 22.68
CA ARG A 327 -3.79 9.78 21.91
C ARG A 327 -2.58 9.10 22.52
#